data_5A51
#
_entry.id   5A51
#
_cell.length_a   35.583
_cell.length_b   89.769
_cell.length_c   109.642
_cell.angle_alpha   90.00
_cell.angle_beta   90.00
_cell.angle_gamma   90.00
#
_symmetry.space_group_name_H-M   'P 21 21 21'
#
loop_
_entity.id
_entity.type
_entity.pdbx_description
1 polymer AT3G17980
2 non-polymer 'CALCIUM ION'
3 non-polymer PHOSPHOSERINE
4 water water
#
_entity_poly.entity_id   1
_entity_poly.type   'polypeptide(L)'
_entity_poly.pdbx_seq_one_letter_code
;MTTACPARTSSLMDDLLGLLRIRIKRGVNLAVRDISSSDPYVVVKMGKQKLKTRVINKDVNPEWNEDLTLSVTDSNLTVL
LTVYDHDMFSKDDKMGDAEFEIKPYIEALRMQLDGLPSGTIVTTVKPSRRNCLAEESRVTWVDGKLVQDLVLRLRHVECG
EVEAQLQWIDLPGSKGL
;
_entity_poly.pdbx_strand_id   A,B
#
loop_
_chem_comp.id
_chem_comp.type
_chem_comp.name
_chem_comp.formula
CA non-polymer 'CALCIUM ION' 'Ca 2'
#
# COMPACT_ATOMS: atom_id res chain seq x y z
N MET A 13 12.07 -6.33 16.07
CA MET A 13 10.69 -6.68 16.39
C MET A 13 10.32 -6.29 17.82
N ASP A 14 11.29 -6.30 18.74
CA ASP A 14 10.95 -6.06 20.13
C ASP A 14 10.69 -4.59 20.45
N ASP A 15 11.02 -3.71 19.51
CA ASP A 15 10.73 -2.29 19.68
C ASP A 15 9.68 -1.82 18.69
N LEU A 16 9.40 -2.66 17.69
CA LEU A 16 8.55 -2.27 16.57
C LEU A 16 7.07 -2.11 16.95
N LEU A 17 6.53 -0.90 16.78
CA LEU A 17 5.11 -0.65 16.99
C LEU A 17 4.32 -1.17 15.79
N GLY A 18 4.88 -0.96 14.61
CA GLY A 18 4.25 -1.36 13.36
C GLY A 18 4.99 -0.69 12.21
N LEU A 19 4.39 -0.71 11.03
CA LEU A 19 4.97 -0.07 9.86
C LEU A 19 4.09 1.08 9.44
N LEU A 20 4.72 2.22 9.16
CA LEU A 20 3.98 3.38 8.69
C LEU A 20 4.07 3.42 7.19
N ARG A 21 2.91 3.38 6.53
CA ARG A 21 2.86 3.56 5.09
C ARG A 21 2.71 5.03 4.79
N ILE A 22 3.66 5.59 4.04
CA ILE A 22 3.51 6.96 3.57
C ILE A 22 3.23 6.93 2.08
N ARG A 23 2.02 7.30 1.69
CA ARG A 23 1.68 7.35 0.28
C ARG A 23 2.00 8.74 -0.20
N ILE A 24 3.04 8.87 -0.99
CA ILE A 24 3.38 10.16 -1.62
C ILE A 24 2.48 10.29 -2.83
N LYS A 25 1.44 11.11 -2.74
CA LYS A 25 0.43 11.20 -3.78
C LYS A 25 0.91 12.03 -4.96
N ARG A 26 1.22 13.30 -4.70
CA ARG A 26 1.56 14.19 -5.79
C ARG A 26 2.32 15.41 -5.30
N GLY A 27 3.00 16.05 -6.24
CA GLY A 27 3.57 17.36 -6.03
C GLY A 27 2.75 18.36 -6.83
N VAL A 28 2.61 19.57 -6.27
CA VAL A 28 1.79 20.61 -6.89
C VAL A 28 2.61 21.87 -7.03
N ASN A 29 2.72 22.36 -8.26
CA ASN A 29 3.52 23.53 -8.61
C ASN A 29 4.91 23.54 -8.00
N LEU A 30 5.65 22.47 -8.24
CA LEU A 30 7.03 22.38 -7.78
C LEU A 30 7.94 23.34 -8.53
N ALA A 31 9.09 23.62 -7.92
CA ALA A 31 10.05 24.56 -8.49
C ALA A 31 10.71 24.02 -9.75
N VAL A 32 11.03 24.93 -10.67
CA VAL A 32 11.73 24.62 -11.90
C VAL A 32 13.23 24.62 -11.67
N ARG A 33 13.88 23.49 -11.97
CA ARG A 33 15.33 23.38 -11.73
C ARG A 33 16.10 22.95 -12.97
N ASP A 34 15.40 22.84 -14.08
CA ASP A 34 16.03 22.70 -15.38
C ASP A 34 15.77 24.00 -16.10
N ILE A 35 15.44 23.97 -17.38
CA ILE A 35 15.16 25.21 -18.09
C ILE A 35 13.71 25.64 -17.90
N SER A 36 12.79 24.73 -18.22
CA SER A 36 11.37 25.04 -18.13
C SER A 36 10.61 24.04 -17.25
N SER A 37 11.29 22.99 -16.80
CA SER A 37 10.62 21.98 -15.98
C SER A 37 11.59 21.37 -14.98
N SER A 38 11.16 20.28 -14.35
CA SER A 38 11.98 19.52 -13.40
C SER A 38 11.64 18.06 -13.50
N ASP A 39 12.52 17.23 -12.96
CA ASP A 39 12.35 15.78 -12.92
C ASP A 39 12.32 15.32 -11.46
N PRO A 40 11.19 15.55 -10.79
CA PRO A 40 11.21 15.44 -9.32
C PRO A 40 11.14 14.04 -8.76
N TYR A 41 11.81 13.87 -7.62
CA TYR A 41 11.63 12.69 -6.78
C TYR A 41 11.68 13.12 -5.34
N VAL A 42 11.18 12.28 -4.44
CA VAL A 42 11.14 12.64 -3.04
C VAL A 42 12.02 11.69 -2.24
N VAL A 43 12.78 12.25 -1.30
CA VAL A 43 13.54 11.43 -0.37
C VAL A 43 12.92 11.58 1.02
N VAL A 44 12.59 10.45 1.65
CA VAL A 44 11.98 10.47 2.96
C VAL A 44 12.97 9.90 3.98
N LYS A 45 13.17 10.62 5.08
CA LYS A 45 14.11 10.20 6.12
C LYS A 45 13.43 10.19 7.48
N MET A 46 13.69 9.13 8.24
CA MET A 46 13.23 9.06 9.62
C MET A 46 14.22 8.18 10.36
N GLY A 47 14.81 8.70 11.43
CA GLY A 47 15.85 7.96 12.11
C GLY A 47 16.95 7.60 11.13
N LYS A 48 17.34 6.33 11.07
CA LYS A 48 18.38 5.89 10.16
C LYS A 48 17.83 5.46 8.80
N GLN A 49 16.52 5.54 8.65
CA GLN A 49 15.87 5.07 7.42
C GLN A 49 15.82 6.16 6.36
N LYS A 50 16.07 5.77 5.11
CA LYS A 50 16.04 6.71 3.99
C LYS A 50 15.42 6.01 2.78
N LEU A 51 14.29 6.54 2.32
CA LEU A 51 13.54 5.94 1.21
C LEU A 51 13.39 6.96 0.08
N LYS A 52 13.22 6.48 -1.14
CA LYS A 52 13.13 7.35 -2.30
C LYS A 52 11.98 6.94 -3.20
N THR A 53 11.28 7.92 -3.76
CA THR A 53 10.32 7.63 -4.82
C THR A 53 11.06 7.55 -6.14
N ARG A 54 10.37 7.09 -7.17
CA ARG A 54 10.91 7.17 -8.52
C ARG A 54 10.90 8.61 -8.97
N VAL A 55 11.64 8.86 -10.04
CA VAL A 55 11.64 10.13 -10.75
C VAL A 55 10.45 10.22 -11.71
N ILE A 56 9.76 11.34 -11.69
CA ILE A 56 8.76 11.65 -12.72
C ILE A 56 9.43 12.63 -13.68
N ASN A 57 9.39 12.32 -14.97
CA ASN A 57 10.10 13.12 -15.96
C ASN A 57 9.33 14.37 -16.39
N LYS A 58 10.01 15.52 -16.34
CA LYS A 58 9.51 16.76 -16.93
C LYS A 58 8.10 17.14 -16.48
N ASP A 59 7.87 17.14 -15.17
CA ASP A 59 6.55 17.48 -14.68
C ASP A 59 6.69 18.12 -13.29
N VAL A 60 6.29 19.39 -13.17
CA VAL A 60 6.29 20.06 -11.88
C VAL A 60 4.98 19.81 -11.10
N ASN A 61 4.07 19.01 -11.66
CA ASN A 61 2.91 18.54 -10.93
C ASN A 61 2.86 17.02 -10.97
N PRO A 62 3.94 16.37 -10.52
CA PRO A 62 4.10 14.91 -10.62
C PRO A 62 3.07 14.13 -9.81
N GLU A 63 2.49 13.10 -10.43
CA GLU A 63 1.59 12.18 -9.76
C GLU A 63 2.34 10.88 -9.39
N TRP A 64 3.05 10.90 -8.27
CA TRP A 64 3.85 9.72 -7.88
C TRP A 64 2.97 8.53 -7.49
N ASN A 65 1.98 8.80 -6.63
CA ASN A 65 1.14 7.74 -6.07
C ASN A 65 1.97 6.54 -5.67
N GLU A 66 2.97 6.81 -4.85
CA GLU A 66 3.95 5.80 -4.51
C GLU A 66 3.99 5.54 -3.01
N ASP A 67 3.92 4.27 -2.66
CA ASP A 67 3.91 3.88 -1.26
C ASP A 67 5.32 3.65 -0.74
N LEU A 68 5.65 4.35 0.33
CA LEU A 68 6.90 4.15 1.04
C LEU A 68 6.54 3.53 2.39
N THR A 69 7.38 2.62 2.89
CA THR A 69 7.08 1.93 4.13
C THR A 69 8.22 2.04 5.13
N LEU A 70 7.94 2.64 6.28
CA LEU A 70 8.93 2.84 7.33
C LEU A 70 8.63 1.99 8.54
N SER A 71 9.68 1.55 9.23
CA SER A 71 9.51 0.90 10.52
C SER A 71 9.37 1.95 11.63
N VAL A 72 8.44 1.77 12.55
CA VAL A 72 8.26 2.75 13.63
C VAL A 72 8.49 2.10 14.99
N THR A 73 9.44 2.63 15.76
CA THR A 73 9.71 2.13 17.10
C THR A 73 9.56 3.24 18.11
N ASP A 74 9.05 4.37 17.66
CA ASP A 74 9.10 5.58 18.43
C ASP A 74 8.06 6.56 17.92
N SER A 75 7.00 6.74 18.71
CA SER A 75 5.93 7.64 18.37
C SER A 75 6.39 9.10 18.30
N ASN A 76 7.53 9.39 18.92
CA ASN A 76 8.02 10.77 19.01
C ASN A 76 8.85 11.19 17.80
N LEU A 77 8.85 10.38 16.76
CA LEU A 77 9.70 10.67 15.62
C LEU A 77 9.10 11.67 14.63
N THR A 78 9.98 12.23 13.82
CA THR A 78 9.61 13.19 12.82
C THR A 78 10.02 12.62 11.48
N VAL A 79 9.18 12.84 10.47
CA VAL A 79 9.52 12.45 9.11
C VAL A 79 9.98 13.67 8.33
N LEU A 80 11.14 13.55 7.69
CA LEU A 80 11.65 14.60 6.82
C LEU A 80 11.46 14.21 5.36
N LEU A 81 10.97 15.17 4.58
CA LEU A 81 10.65 14.95 3.19
C LEU A 81 11.37 16.02 2.36
N THR A 82 12.22 15.58 1.43
CA THR A 82 12.97 16.54 0.62
C THR A 82 12.79 16.18 -0.85
N VAL A 83 12.51 17.20 -1.66
CA VAL A 83 12.28 17.01 -3.08
C VAL A 83 13.54 17.43 -3.83
N TYR A 84 13.88 16.67 -4.87
CA TYR A 84 15.07 16.96 -5.68
C TYR A 84 14.71 16.85 -7.15
N ASP A 85 15.44 17.60 -7.96
CA ASP A 85 15.38 17.49 -9.41
C ASP A 85 16.47 16.55 -9.91
N HIS A 86 16.07 15.40 -10.42
CA HIS A 86 17.03 14.48 -11.01
C HIS A 86 17.66 15.06 -12.27
N ASP A 87 18.99 15.16 -12.30
CA ASP A 87 19.75 15.51 -13.51
C ASP A 87 20.64 14.33 -13.82
N MET A 88 20.35 13.62 -14.90
CA MET A 88 21.06 12.37 -15.16
C MET A 88 22.58 12.49 -15.13
N PHE A 89 23.11 13.53 -15.78
CA PHE A 89 24.55 13.63 -15.93
C PHE A 89 25.17 14.74 -15.10
N SER A 90 24.44 15.23 -14.10
CA SER A 90 24.99 16.27 -13.25
C SER A 90 24.45 16.18 -11.83
N LYS A 91 24.54 17.26 -11.07
CA LYS A 91 24.09 17.24 -9.68
C LYS A 91 22.57 17.40 -9.63
N ASP A 92 21.94 16.87 -8.59
CA ASP A 92 20.50 17.03 -8.38
C ASP A 92 20.24 18.23 -7.47
N ASP A 93 19.48 19.19 -7.97
CA ASP A 93 19.17 20.40 -7.21
C ASP A 93 18.03 20.18 -6.22
N LYS A 94 18.16 20.81 -5.05
CA LYS A 94 17.10 20.83 -4.07
C LYS A 94 15.87 21.55 -4.60
N MET A 95 14.69 21.01 -4.25
CA MET A 95 13.42 21.62 -4.62
C MET A 95 12.53 21.83 -3.40
N GLY A 96 13.15 21.93 -2.22
CA GLY A 96 12.43 22.23 -1.00
C GLY A 96 12.25 21.05 -0.08
N ASP A 97 11.85 21.31 1.16
CA ASP A 97 11.72 20.24 2.14
C ASP A 97 10.62 20.52 3.13
N ALA A 98 10.12 19.47 3.77
CA ALA A 98 9.10 19.63 4.80
C ALA A 98 9.28 18.54 5.82
N GLU A 99 8.71 18.73 7.00
CA GLU A 99 8.69 17.65 7.95
C GLU A 99 7.33 17.59 8.59
N PHE A 100 6.99 16.43 9.14
CA PHE A 100 5.75 16.31 9.90
C PHE A 100 5.92 15.36 11.07
N GLU A 101 5.08 15.54 12.08
CA GLU A 101 5.11 14.68 13.25
C GLU A 101 4.20 13.49 13.02
N ILE A 102 4.61 12.33 13.55
CA ILE A 102 3.77 11.13 13.48
C ILE A 102 3.03 10.90 14.78
N LYS A 103 3.38 11.62 15.83
CA LYS A 103 2.76 11.38 17.14
C LYS A 103 1.24 11.48 17.15
N PRO A 104 0.66 12.52 16.52
CA PRO A 104 -0.79 12.58 16.47
C PRO A 104 -1.44 11.34 15.85
N TYR A 105 -0.83 10.80 14.80
CA TYR A 105 -1.35 9.61 14.13
C TYR A 105 -1.18 8.37 15.01
N ILE A 106 0.00 8.20 15.58
CA ILE A 106 0.26 7.07 16.45
C ILE A 106 -0.68 7.11 17.67
N GLU A 107 -0.85 8.30 18.24
CA GLU A 107 -1.79 8.50 19.35
C GLU A 107 -3.16 8.03 18.97
N ALA A 108 -3.62 8.45 17.79
CA ALA A 108 -4.95 8.11 17.32
C ALA A 108 -5.10 6.61 17.11
N LEU A 109 -4.04 5.97 16.61
CA LEU A 109 -4.07 4.53 16.36
C LEU A 109 -4.28 3.77 17.66
N ARG A 110 -3.92 4.40 18.77
CA ARG A 110 -4.00 3.76 20.08
C ARG A 110 -5.35 3.97 20.75
N MET A 111 -6.22 4.72 20.09
CA MET A 111 -7.56 4.95 20.64
C MET A 111 -8.47 3.78 20.33
N GLN A 112 -9.60 3.74 21.02
CA GLN A 112 -10.64 2.79 20.71
C GLN A 112 -11.45 3.38 19.56
N LEU A 113 -11.37 2.76 18.39
CA LEU A 113 -12.13 3.29 17.25
C LEU A 113 -12.92 2.25 16.49
N ASP A 114 -12.79 0.99 16.88
CA ASP A 114 -13.76 -0.02 16.45
C ASP A 114 -15.09 0.34 17.11
N GLY A 115 -16.04 0.76 16.29
CA GLY A 115 -17.31 1.23 16.81
C GLY A 115 -17.61 2.64 16.35
N LEU A 116 -16.55 3.39 16.05
CA LEU A 116 -16.72 4.72 15.48
C LEU A 116 -17.30 4.61 14.08
N PRO A 117 -18.23 5.52 13.75
CA PRO A 117 -18.80 5.50 12.39
C PRO A 117 -17.76 5.88 11.36
N SER A 118 -17.83 5.27 10.17
CA SER A 118 -16.92 5.64 9.11
C SER A 118 -17.05 7.13 8.78
N GLY A 119 -15.93 7.79 8.54
CA GLY A 119 -15.92 9.21 8.28
C GLY A 119 -15.60 10.05 9.50
N THR A 120 -15.48 9.40 10.65
CA THR A 120 -15.22 10.11 11.90
C THR A 120 -13.82 10.73 11.93
N ILE A 121 -13.79 12.02 12.21
CA ILE A 121 -12.53 12.76 12.35
C ILE A 121 -12.03 12.68 13.78
N VAL A 122 -10.96 11.93 13.95
CA VAL A 122 -10.42 11.65 15.28
C VAL A 122 -9.57 12.81 15.81
N THR A 123 -8.76 13.39 14.93
CA THR A 123 -7.82 14.44 15.30
C THR A 123 -7.67 15.40 14.14
N THR A 124 -7.57 16.69 14.44
CA THR A 124 -7.23 17.68 13.43
C THR A 124 -5.99 18.43 13.87
N VAL A 125 -4.97 18.46 13.02
CA VAL A 125 -3.76 19.21 13.32
C VAL A 125 -3.78 20.52 12.54
N LYS A 126 -3.58 21.63 13.23
CA LYS A 126 -3.66 22.95 12.61
C LYS A 126 -2.33 23.40 12.05
N PRO A 127 -2.36 24.10 10.90
CA PRO A 127 -1.13 24.72 10.42
C PRO A 127 -0.63 25.74 11.43
N SER A 128 0.68 25.83 11.58
CA SER A 128 1.29 26.74 12.53
C SER A 128 2.53 27.35 11.90
N ARG A 129 3.14 28.30 12.59
CA ARG A 129 4.36 28.92 12.11
C ARG A 129 5.49 27.91 12.07
N ARG A 130 5.42 26.92 12.95
CA ARG A 130 6.49 25.95 13.11
C ARG A 130 6.36 24.74 12.18
N ASN A 131 5.13 24.31 11.92
CA ASN A 131 4.95 23.13 11.08
C ASN A 131 4.85 23.44 9.59
N CYS A 132 4.72 22.41 8.77
CA CYS A 132 4.70 22.56 7.32
C CYS A 132 3.34 22.30 6.70
N LEU A 133 2.28 22.28 7.52
CA LEU A 133 0.96 22.06 6.95
C LEU A 133 0.47 23.28 6.17
N ALA A 134 -0.07 23.02 4.99
CA ALA A 134 -0.64 24.08 4.16
C ALA A 134 -2.10 24.30 4.50
N GLU A 135 -2.72 23.28 5.11
CA GLU A 135 -4.09 23.39 5.58
C GLU A 135 -4.25 22.38 6.71
N GLU A 136 -5.34 22.46 7.47
CA GLU A 136 -5.58 21.52 8.55
C GLU A 136 -5.47 20.08 8.06
N SER A 137 -4.80 19.25 8.86
CA SER A 137 -4.62 17.85 8.53
C SER A 137 -5.50 16.99 9.41
N ARG A 138 -6.39 16.23 8.77
CA ARG A 138 -7.35 15.39 9.48
C ARG A 138 -6.83 13.97 9.62
N VAL A 139 -7.01 13.41 10.82
CA VAL A 139 -6.84 11.98 11.01
C VAL A 139 -8.25 11.39 11.06
N THR A 140 -8.57 10.54 10.09
CA THR A 140 -9.94 10.08 9.90
C THR A 140 -10.04 8.57 9.95
N TRP A 141 -11.10 8.09 10.60
CA TRP A 141 -11.42 6.68 10.64
C TRP A 141 -12.42 6.46 9.52
N VAL A 142 -11.99 5.77 8.46
CA VAL A 142 -12.83 5.59 7.29
C VAL A 142 -12.60 4.23 6.62
N ASP A 143 -13.70 3.60 6.21
CA ASP A 143 -13.66 2.30 5.58
C ASP A 143 -12.85 1.32 6.42
N GLY A 144 -12.95 1.47 7.74
CA GLY A 144 -12.29 0.57 8.67
C GLY A 144 -10.79 0.76 8.83
N LYS A 145 -10.27 1.86 8.31
CA LYS A 145 -8.85 2.17 8.42
C LYS A 145 -8.68 3.56 9.00
N LEU A 146 -7.62 3.75 9.79
CA LEU A 146 -7.28 5.10 10.22
C LEU A 146 -6.24 5.66 9.26
N VAL A 147 -6.50 6.86 8.74
CA VAL A 147 -5.58 7.49 7.79
C VAL A 147 -5.36 8.92 8.21
N GLN A 148 -4.23 9.49 7.79
CA GLN A 148 -4.04 10.93 7.94
C GLN A 148 -3.70 11.54 6.60
N ASP A 149 -4.44 12.59 6.22
CA ASP A 149 -4.21 13.25 4.95
C ASP A 149 -3.41 14.51 5.20
N LEU A 150 -2.32 14.68 4.47
CA LEU A 150 -1.44 15.85 4.67
C LEU A 150 -1.22 16.63 3.38
N VAL A 151 -1.31 17.95 3.48
CA VAL A 151 -0.77 18.80 2.42
C VAL A 151 0.39 19.59 3.00
N LEU A 152 1.59 19.31 2.51
CA LEU A 152 2.81 19.92 3.03
C LEU A 152 3.28 21.03 2.11
N ARG A 153 3.45 22.24 2.66
CA ARG A 153 4.05 23.33 1.89
C ARG A 153 5.55 23.24 2.07
N LEU A 154 6.27 23.20 0.96
CA LEU A 154 7.72 23.00 1.02
C LEU A 154 8.44 24.26 1.49
N ARG A 155 9.43 24.06 2.36
CA ARG A 155 10.27 25.14 2.86
C ARG A 155 11.48 25.32 1.95
N HIS A 156 12.10 26.49 2.04
CA HIS A 156 13.40 26.70 1.41
C HIS A 156 13.36 26.61 -0.10
N VAL A 157 12.24 27.03 -0.67
CA VAL A 157 12.02 27.00 -2.11
C VAL A 157 10.93 28.02 -2.45
N GLU A 158 10.89 28.45 -3.71
CA GLU A 158 10.03 29.55 -4.10
C GLU A 158 8.57 29.14 -4.33
N CYS A 159 8.32 27.83 -4.41
CA CYS A 159 6.97 27.33 -4.58
C CYS A 159 6.98 25.81 -4.40
N GLY A 160 5.79 25.24 -4.20
CA GLY A 160 5.61 23.79 -4.21
C GLY A 160 4.96 23.21 -2.96
N GLU A 161 4.07 22.24 -3.20
CA GLU A 161 3.46 21.47 -2.14
C GLU A 161 3.58 19.99 -2.46
N VAL A 162 3.56 19.17 -1.42
CA VAL A 162 3.48 17.71 -1.60
C VAL A 162 2.29 17.21 -0.81
N GLU A 163 1.45 16.41 -1.47
CA GLU A 163 0.29 15.80 -0.81
C GLU A 163 0.64 14.35 -0.48
N ALA A 164 0.34 13.92 0.75
CA ALA A 164 0.64 12.55 1.19
C ALA A 164 -0.43 12.02 2.13
N GLN A 165 -0.50 10.69 2.25
CA GLN A 165 -1.44 10.09 3.18
C GLN A 165 -0.74 9.05 4.03
N LEU A 166 -1.00 9.06 5.33
CA LEU A 166 -0.45 8.05 6.21
C LEU A 166 -1.43 6.90 6.38
N GLN A 167 -0.90 5.68 6.31
CA GLN A 167 -1.66 4.49 6.66
C GLN A 167 -0.80 3.59 7.52
N TRP A 168 -1.40 2.55 8.09
CA TRP A 168 -0.68 1.76 9.08
C TRP A 168 -0.71 0.28 8.71
N ILE A 169 0.39 -0.40 8.99
CA ILE A 169 0.46 -1.85 8.78
C ILE A 169 0.84 -2.52 10.10
N ASP A 170 -0.01 -3.41 10.57
CA ASP A 170 0.28 -4.16 11.79
C ASP A 170 1.15 -5.36 11.44
N LEU A 171 2.19 -5.59 12.23
CA LEU A 171 3.10 -6.70 11.99
C LEU A 171 3.04 -7.69 13.14
N PRO A 172 2.29 -8.79 12.98
CA PRO A 172 2.20 -9.79 14.04
C PRO A 172 3.60 -10.23 14.49
N GLY A 173 3.80 -10.34 15.79
CA GLY A 173 5.08 -10.75 16.33
C GLY A 173 5.87 -9.58 16.85
N SER A 174 5.35 -8.38 16.63
CA SER A 174 6.04 -7.17 17.05
C SER A 174 5.53 -6.70 18.41
N LYS A 175 6.14 -5.64 18.92
CA LYS A 175 5.72 -5.05 20.18
C LYS A 175 4.29 -4.53 20.05
N GLY A 176 3.99 -3.92 18.91
CA GLY A 176 2.67 -3.41 18.63
C GLY A 176 2.40 -2.07 19.29
N LEU A 177 1.20 -1.53 19.07
CA LEU A 177 0.81 -0.26 19.65
C LEU A 177 0.50 -0.38 21.14
N MET B 13 12.23 -11.81 11.57
CA MET B 13 13.16 -10.91 10.89
C MET B 13 14.37 -11.68 10.38
N ASP B 14 14.70 -12.77 11.05
CA ASP B 14 15.79 -13.63 10.60
C ASP B 14 15.36 -14.40 9.35
N ASP B 15 14.05 -14.50 9.15
CA ASP B 15 13.50 -15.33 8.09
C ASP B 15 12.82 -14.50 7.02
N LEU B 16 12.60 -13.22 7.29
CA LEU B 16 11.78 -12.36 6.46
C LEU B 16 12.41 -12.01 5.10
N LEU B 17 11.79 -12.46 4.02
CA LEU B 17 12.22 -12.09 2.68
C LEU B 17 11.79 -10.66 2.36
N GLY B 18 10.58 -10.32 2.80
CA GLY B 18 9.96 -9.04 2.51
C GLY B 18 8.49 -9.17 2.84
N LEU B 19 7.69 -8.18 2.43
CA LEU B 19 6.25 -8.26 2.64
C LEU B 19 5.57 -8.26 1.29
N LEU B 20 4.53 -9.10 1.18
CA LEU B 20 3.73 -9.14 -0.01
C LEU B 20 2.48 -8.31 0.20
N ARG B 21 2.33 -7.28 -0.61
CA ARG B 21 1.14 -6.44 -0.58
C ARG B 21 0.13 -6.97 -1.58
N ILE B 22 -0.99 -7.49 -1.07
CA ILE B 22 -2.03 -7.96 -1.98
C ILE B 22 -3.09 -6.89 -2.11
N ARG B 23 -3.16 -6.26 -3.28
CA ARG B 23 -4.23 -5.29 -3.52
C ARG B 23 -5.48 -6.02 -4.01
N ILE B 24 -6.51 -6.06 -3.17
CA ILE B 24 -7.79 -6.65 -3.55
C ILE B 24 -8.55 -5.55 -4.26
N LYS B 25 -8.64 -5.64 -5.58
CA LYS B 25 -9.21 -4.56 -6.36
C LYS B 25 -10.73 -4.61 -6.34
N ARG B 26 -11.29 -5.71 -6.82
CA ARG B 26 -12.73 -5.78 -6.97
C ARG B 26 -13.21 -7.21 -7.11
N GLY B 27 -14.49 -7.41 -6.84
CA GLY B 27 -15.17 -8.64 -7.19
C GLY B 27 -16.07 -8.38 -8.38
N VAL B 28 -16.26 -9.40 -9.20
CA VAL B 28 -17.05 -9.29 -10.41
C VAL B 28 -18.06 -10.41 -10.48
N ASN B 29 -19.35 -10.02 -10.59
CA ASN B 29 -20.47 -10.96 -10.64
C ASN B 29 -20.42 -12.05 -9.58
N LEU B 30 -20.31 -11.60 -8.33
CA LEU B 30 -20.26 -12.53 -7.21
C LEU B 30 -21.63 -13.13 -6.94
N ALA B 31 -21.63 -14.25 -6.20
CA ALA B 31 -22.84 -15.01 -5.90
C ALA B 31 -23.77 -14.21 -5.00
N VAL B 32 -25.07 -14.41 -5.21
CA VAL B 32 -26.10 -13.79 -4.38
C VAL B 32 -26.38 -14.68 -3.20
N ARG B 33 -26.25 -14.13 -2.00
CA ARG B 33 -26.42 -14.93 -0.79
C ARG B 33 -27.37 -14.31 0.22
N ASP B 34 -27.98 -13.19 -0.16
CA ASP B 34 -29.15 -12.71 0.56
C ASP B 34 -30.35 -13.02 -0.34
N ILE B 35 -31.19 -12.04 -0.64
CA ILE B 35 -32.28 -12.30 -1.59
C ILE B 35 -31.85 -11.93 -3.00
N SER B 36 -31.39 -10.69 -3.17
CA SER B 36 -31.07 -10.20 -4.50
C SER B 36 -29.68 -9.60 -4.58
N SER B 37 -28.93 -9.64 -3.48
CA SER B 37 -27.55 -9.17 -3.47
C SER B 37 -26.77 -9.88 -2.38
N SER B 38 -25.57 -9.40 -2.11
CA SER B 38 -24.72 -9.92 -1.02
C SER B 38 -23.96 -8.78 -0.41
N ASP B 39 -23.32 -9.05 0.74
CA ASP B 39 -22.49 -8.05 1.43
C ASP B 39 -21.07 -8.62 1.57
N PRO B 40 -20.32 -8.64 0.47
CA PRO B 40 -19.07 -9.42 0.42
C PRO B 40 -17.86 -8.81 1.10
N TYR B 41 -17.04 -9.70 1.63
CA TYR B 41 -15.70 -9.36 2.08
C TYR B 41 -14.78 -10.51 1.73
N VAL B 42 -13.49 -10.18 1.58
CA VAL B 42 -12.49 -11.16 1.21
C VAL B 42 -11.64 -11.48 2.43
N VAL B 43 -11.31 -12.74 2.60
CA VAL B 43 -10.35 -13.16 3.60
C VAL B 43 -9.21 -13.88 2.89
N VAL B 44 -7.97 -13.59 3.32
CA VAL B 44 -6.83 -14.33 2.80
C VAL B 44 -6.06 -15.00 3.93
N LYS B 45 -5.40 -16.10 3.62
CA LYS B 45 -4.59 -16.82 4.60
C LYS B 45 -3.30 -17.31 3.96
N MET B 46 -2.20 -17.15 4.70
CA MET B 46 -0.92 -17.67 4.25
C MET B 46 -0.17 -18.12 5.49
N GLY B 47 0.05 -19.43 5.60
CA GLY B 47 0.52 -19.99 6.85
C GLY B 47 -0.44 -19.64 7.97
N LYS B 48 0.08 -19.05 9.04
CA LYS B 48 -0.75 -18.71 10.19
C LYS B 48 -1.38 -17.32 10.05
N GLN B 49 -0.98 -16.58 9.02
CA GLN B 49 -1.49 -15.22 8.84
C GLN B 49 -2.84 -15.21 8.18
N LYS B 50 -3.77 -14.45 8.73
CA LYS B 50 -5.11 -14.30 8.17
C LYS B 50 -5.50 -12.82 8.23
N LEU B 51 -5.94 -12.29 7.09
CA LEU B 51 -6.33 -10.90 6.99
C LEU B 51 -7.63 -10.78 6.22
N LYS B 52 -8.38 -9.72 6.46
CA LYS B 52 -9.62 -9.52 5.71
C LYS B 52 -9.86 -8.08 5.30
N THR B 53 -10.62 -7.92 4.21
CA THR B 53 -11.09 -6.62 3.78
C THR B 53 -12.30 -6.19 4.57
N ARG B 54 -12.70 -4.95 4.37
CA ARG B 54 -14.01 -4.51 4.86
C ARG B 54 -15.14 -5.16 4.08
N VAL B 55 -16.33 -5.10 4.67
CA VAL B 55 -17.56 -5.48 3.99
C VAL B 55 -18.01 -4.35 3.09
N ILE B 56 -18.42 -4.68 1.87
CA ILE B 56 -19.15 -3.74 1.03
C ILE B 56 -20.60 -4.19 0.97
N ASN B 57 -21.53 -3.31 1.29
CA ASN B 57 -22.93 -3.73 1.39
C ASN B 57 -23.69 -3.71 0.08
N LYS B 58 -24.50 -4.76 -0.12
CA LYS B 58 -25.44 -4.84 -1.24
C LYS B 58 -24.78 -4.55 -2.58
N ASP B 59 -23.76 -5.34 -2.88
CA ASP B 59 -23.05 -5.16 -4.14
C ASP B 59 -22.35 -6.46 -4.48
N VAL B 60 -22.77 -7.11 -5.57
CA VAL B 60 -22.04 -8.29 -6.07
C VAL B 60 -20.92 -7.93 -7.02
N ASN B 61 -20.68 -6.63 -7.22
CA ASN B 61 -19.51 -6.16 -7.96
C ASN B 61 -18.72 -5.17 -7.11
N PRO B 62 -18.31 -5.60 -5.91
CA PRO B 62 -17.70 -4.70 -4.93
C PRO B 62 -16.34 -4.14 -5.35
N GLU B 63 -16.14 -2.84 -5.16
CA GLU B 63 -14.84 -2.21 -5.43
C GLU B 63 -14.07 -2.00 -4.14
N TRP B 64 -13.42 -3.05 -3.65
CA TRP B 64 -12.72 -2.95 -2.36
C TRP B 64 -11.53 -2.01 -2.42
N ASN B 65 -10.70 -2.17 -3.45
CA ASN B 65 -9.46 -1.40 -3.55
C ASN B 65 -8.71 -1.33 -2.23
N GLU B 66 -8.44 -2.50 -1.65
CA GLU B 66 -7.91 -2.58 -0.31
C GLU B 66 -6.64 -3.43 -0.23
N ASP B 67 -5.64 -2.95 0.51
CA ASP B 67 -4.36 -3.62 0.60
C ASP B 67 -4.28 -4.51 1.83
N LEU B 68 -3.94 -5.78 1.60
CA LEU B 68 -3.69 -6.73 2.68
C LEU B 68 -2.23 -7.15 2.62
N THR B 69 -1.48 -6.89 3.68
CA THR B 69 -0.04 -7.03 3.63
C THR B 69 0.45 -8.18 4.51
N LEU B 70 1.12 -9.14 3.88
CA LEU B 70 1.55 -10.37 4.54
C LEU B 70 3.08 -10.44 4.64
N SER B 71 3.60 -10.97 5.73
CA SER B 71 5.04 -11.22 5.82
C SER B 71 5.38 -12.51 5.08
N VAL B 72 6.48 -12.51 4.33
CA VAL B 72 6.88 -13.67 3.55
C VAL B 72 8.19 -14.22 4.09
N THR B 73 8.17 -15.46 4.58
CA THR B 73 9.38 -16.13 5.04
C THR B 73 9.65 -17.35 4.18
N ASP B 74 8.90 -17.49 3.10
CA ASP B 74 9.07 -18.65 2.26
C ASP B 74 8.60 -18.37 0.84
N SER B 75 9.48 -18.66 -0.11
CA SER B 75 9.21 -18.48 -1.52
C SER B 75 8.14 -19.42 -2.07
N ASN B 76 7.92 -20.53 -1.37
CA ASN B 76 7.04 -21.59 -1.90
C ASN B 76 5.64 -21.58 -1.30
N LEU B 77 5.30 -20.48 -0.61
CA LEU B 77 4.01 -20.39 0.04
C LEU B 77 2.86 -20.24 -0.95
N THR B 78 1.68 -20.60 -0.47
CA THR B 78 0.46 -20.43 -1.21
C THR B 78 -0.41 -19.48 -0.44
N VAL B 79 -1.05 -18.55 -1.16
CA VAL B 79 -2.08 -17.72 -0.55
C VAL B 79 -3.45 -18.31 -0.84
N LEU B 80 -4.21 -18.54 0.22
CA LEU B 80 -5.60 -18.96 0.10
C LEU B 80 -6.49 -17.71 0.15
N LEU B 81 -7.58 -17.73 -0.62
CA LEU B 81 -8.49 -16.59 -0.70
C LEU B 81 -9.92 -17.06 -0.67
N THR B 82 -10.78 -16.35 0.05
CA THR B 82 -12.18 -16.74 0.06
C THR B 82 -13.06 -15.49 0.20
N VAL B 83 -14.31 -15.58 -0.24
CA VAL B 83 -15.24 -14.47 -0.16
C VAL B 83 -16.44 -14.95 0.64
N TYR B 84 -16.90 -14.10 1.56
CA TYR B 84 -18.08 -14.39 2.34
C TYR B 84 -19.07 -13.23 2.26
N ASP B 85 -20.35 -13.56 2.40
CA ASP B 85 -21.41 -12.58 2.51
C ASP B 85 -21.70 -12.32 4.00
N HIS B 86 -21.39 -11.13 4.48
CA HIS B 86 -21.69 -10.80 5.86
C HIS B 86 -23.20 -10.78 6.11
N ASP B 87 -23.63 -11.46 7.18
CA ASP B 87 -25.01 -11.39 7.67
C ASP B 87 -24.94 -10.97 9.12
N MET B 88 -25.64 -9.88 9.45
CA MET B 88 -25.56 -9.37 10.82
C MET B 88 -26.06 -10.41 11.82
N PHE B 89 -27.15 -11.07 11.47
CA PHE B 89 -27.92 -11.85 12.45
C PHE B 89 -27.86 -13.35 12.23
N SER B 90 -26.90 -13.80 11.43
CA SER B 90 -26.78 -15.22 11.13
C SER B 90 -25.34 -15.53 10.72
N LYS B 91 -25.04 -16.79 10.53
CA LYS B 91 -23.74 -17.17 10.02
C LYS B 91 -23.52 -16.54 8.64
N ASP B 92 -22.32 -16.02 8.39
CA ASP B 92 -22.02 -15.45 7.08
C ASP B 92 -22.01 -16.53 6.01
N ASP B 93 -22.51 -16.20 4.82
CA ASP B 93 -22.65 -17.19 3.76
C ASP B 93 -21.44 -17.29 2.85
N LYS B 94 -21.21 -18.48 2.33
CA LYS B 94 -20.06 -18.72 1.45
C LYS B 94 -20.26 -18.11 0.06
N MET B 95 -19.21 -17.52 -0.49
CA MET B 95 -19.26 -16.96 -1.83
C MET B 95 -18.10 -17.45 -2.72
N GLY B 96 -17.40 -18.49 -2.27
CA GLY B 96 -16.38 -19.13 -3.10
C GLY B 96 -14.96 -19.01 -2.57
N ASP B 97 -14.05 -19.80 -3.14
CA ASP B 97 -12.66 -19.74 -2.71
C ASP B 97 -11.69 -19.91 -3.86
N ALA B 98 -10.45 -19.50 -3.63
CA ALA B 98 -9.41 -19.65 -4.63
C ALA B 98 -8.09 -19.69 -3.92
N GLU B 99 -7.01 -19.76 -4.71
CA GLU B 99 -5.67 -19.72 -4.17
C GLU B 99 -4.73 -19.39 -5.29
N PHE B 100 -3.53 -18.98 -4.92
CA PHE B 100 -2.49 -18.74 -5.90
C PHE B 100 -1.12 -18.93 -5.28
N GLU B 101 -0.16 -19.27 -6.14
CA GLU B 101 1.22 -19.44 -5.75
C GLU B 101 1.94 -18.11 -5.80
N ILE B 102 2.86 -17.87 -4.87
CA ILE B 102 3.68 -16.67 -4.91
C ILE B 102 5.06 -16.92 -5.49
N LYS B 103 5.41 -18.18 -5.74
CA LYS B 103 6.75 -18.51 -6.25
C LYS B 103 7.10 -17.81 -7.56
N PRO B 104 6.19 -17.83 -8.55
CA PRO B 104 6.54 -17.14 -9.80
C PRO B 104 6.90 -15.67 -9.60
N TYR B 105 6.15 -14.98 -8.74
CA TYR B 105 6.41 -13.57 -8.48
C TYR B 105 7.75 -13.40 -7.77
N ILE B 106 8.00 -14.23 -6.76
CA ILE B 106 9.22 -14.12 -5.98
C ILE B 106 10.43 -14.41 -6.87
N GLU B 107 10.33 -15.41 -7.72
CA GLU B 107 11.46 -15.74 -8.60
C GLU B 107 11.71 -14.64 -9.62
N ALA B 108 10.64 -13.97 -10.03
CA ALA B 108 10.75 -12.88 -10.99
C ALA B 108 11.41 -11.68 -10.32
N LEU B 109 11.09 -11.48 -9.05
CA LEU B 109 11.72 -10.42 -8.26
C LEU B 109 13.21 -10.70 -8.12
N ARG B 110 13.55 -11.96 -7.91
CA ARG B 110 14.95 -12.33 -7.71
C ARG B 110 15.77 -12.19 -8.99
N MET B 111 15.12 -12.40 -10.14
CA MET B 111 15.81 -12.36 -11.42
C MET B 111 16.03 -10.93 -11.89
N GLN B 112 15.40 -9.99 -11.21
CA GLN B 112 15.40 -8.61 -11.65
C GLN B 112 16.28 -7.77 -10.74
N LEU B 113 16.61 -8.32 -9.58
CA LEU B 113 17.63 -7.74 -8.73
C LEU B 113 18.95 -8.15 -9.34
N ASP B 114 19.96 -7.29 -9.26
CA ASP B 114 21.30 -7.54 -9.80
C ASP B 114 21.51 -7.01 -11.23
N GLY B 115 20.44 -6.52 -11.85
CA GLY B 115 20.53 -5.98 -13.19
C GLY B 115 19.46 -4.92 -13.45
N LEU B 116 19.61 -4.16 -14.52
CA LEU B 116 18.65 -3.10 -14.83
C LEU B 116 17.35 -3.66 -15.39
N PRO B 117 16.22 -3.00 -15.09
CA PRO B 117 14.89 -3.47 -15.47
C PRO B 117 14.72 -3.70 -16.97
N SER B 118 14.77 -4.96 -17.38
CA SER B 118 14.35 -5.34 -18.72
C SER B 118 12.98 -5.99 -18.62
N GLY B 119 11.99 -5.40 -19.28
CA GLY B 119 10.61 -5.87 -19.21
C GLY B 119 9.99 -5.91 -20.59
N THR B 120 8.76 -5.44 -20.71
CA THR B 120 7.99 -4.99 -19.56
C THR B 120 7.39 -6.20 -18.84
N ILE B 121 7.01 -7.21 -19.63
CA ILE B 121 6.52 -8.48 -19.08
C ILE B 121 7.67 -9.44 -18.81
N VAL B 122 7.76 -9.88 -17.57
CA VAL B 122 8.84 -10.74 -17.11
C VAL B 122 8.42 -12.22 -17.04
N THR B 123 7.20 -12.47 -16.58
CA THR B 123 6.70 -13.84 -16.48
C THR B 123 5.21 -13.86 -16.78
N THR B 124 4.75 -14.90 -17.46
CA THR B 124 3.32 -15.11 -17.65
C THR B 124 2.93 -16.47 -17.10
N VAL B 125 1.98 -16.51 -16.17
CA VAL B 125 1.46 -17.77 -15.64
C VAL B 125 0.17 -18.13 -16.37
N LYS B 126 0.10 -19.33 -16.92
CA LYS B 126 -1.05 -19.74 -17.72
C LYS B 126 -2.14 -20.35 -16.86
N PRO B 127 -3.41 -20.08 -17.21
CA PRO B 127 -4.51 -20.79 -16.53
C PRO B 127 -4.39 -22.28 -16.79
N SER B 128 -4.77 -23.07 -15.79
CA SER B 128 -4.68 -24.52 -15.89
C SER B 128 -5.87 -25.15 -15.19
N ARG B 129 -6.00 -26.46 -15.31
CA ARG B 129 -7.11 -27.15 -14.69
C ARG B 129 -7.00 -27.08 -13.17
N ARG B 130 -5.77 -26.98 -12.67
CA ARG B 130 -5.53 -27.01 -11.24
C ARG B 130 -5.52 -25.63 -10.59
N ASN B 131 -5.07 -24.61 -11.31
CA ASN B 131 -4.99 -23.28 -10.69
C ASN B 131 -6.29 -22.50 -10.83
N CYS B 132 -6.33 -21.31 -10.24
CA CYS B 132 -7.56 -20.52 -10.20
C CYS B 132 -7.53 -19.30 -11.10
N LEU B 133 -6.58 -19.24 -12.02
CA LEU B 133 -6.50 -18.10 -12.92
C LEU B 133 -7.61 -18.12 -13.97
N ALA B 134 -8.29 -16.99 -14.12
CA ALA B 134 -9.36 -16.84 -15.10
C ALA B 134 -8.79 -16.48 -16.47
N GLU B 135 -7.59 -15.91 -16.47
CA GLU B 135 -6.85 -15.59 -17.69
C GLU B 135 -5.38 -15.59 -17.33
N GLU B 136 -4.49 -15.59 -18.33
CA GLU B 136 -3.06 -15.57 -18.01
C GLU B 136 -2.69 -14.37 -17.14
N SER B 137 -1.83 -14.63 -16.17
CA SER B 137 -1.43 -13.62 -15.20
C SER B 137 -0.04 -13.15 -15.55
N ARG B 138 0.12 -11.84 -15.72
CA ARG B 138 1.41 -11.27 -16.09
C ARG B 138 2.13 -10.64 -14.91
N VAL B 139 3.42 -10.91 -14.81
CA VAL B 139 4.29 -10.20 -13.90
C VAL B 139 4.98 -9.16 -14.76
N THR B 140 4.74 -7.88 -14.46
CA THR B 140 5.20 -6.80 -15.34
C THR B 140 5.73 -5.62 -14.55
N TRP B 141 6.38 -4.69 -15.25
CA TRP B 141 6.83 -3.45 -14.62
C TRP B 141 5.78 -2.35 -14.71
N VAL B 142 5.48 -1.74 -13.56
CA VAL B 142 4.52 -0.65 -13.50
C VAL B 142 5.03 0.44 -12.57
N ASP B 143 5.29 1.61 -13.14
CA ASP B 143 5.85 2.75 -12.41
C ASP B 143 7.07 2.38 -11.59
N GLY B 144 8.03 1.73 -12.24
CA GLY B 144 9.29 1.37 -11.63
C GLY B 144 9.23 0.20 -10.65
N LYS B 145 8.07 -0.45 -10.57
CA LYS B 145 7.90 -1.58 -9.66
C LYS B 145 7.42 -2.81 -10.41
N LEU B 146 7.88 -3.97 -9.97
CA LEU B 146 7.43 -5.23 -10.57
C LEU B 146 6.19 -5.67 -9.81
N VAL B 147 5.12 -5.99 -10.55
CA VAL B 147 3.84 -6.35 -9.93
C VAL B 147 3.29 -7.56 -10.64
N GLN B 148 2.32 -8.22 -10.02
CA GLN B 148 1.64 -9.31 -10.71
C GLN B 148 0.14 -9.05 -10.73
N ASP B 149 -0.46 -9.07 -11.92
CA ASP B 149 -1.91 -8.85 -12.01
C ASP B 149 -2.59 -10.19 -12.09
N LEU B 150 -3.60 -10.39 -11.24
CA LEU B 150 -4.32 -11.66 -11.13
C LEU B 150 -5.81 -11.48 -11.33
N VAL B 151 -6.42 -12.37 -12.11
CA VAL B 151 -7.88 -12.50 -12.03
C VAL B 151 -8.19 -13.92 -11.57
N LEU B 152 -8.81 -14.04 -10.40
CA LEU B 152 -9.07 -15.34 -9.81
C LEU B 152 -10.51 -15.74 -10.05
N ARG B 153 -10.71 -16.93 -10.65
CA ARG B 153 -12.04 -17.53 -10.72
C ARG B 153 -12.30 -18.20 -9.40
N LEU B 154 -13.49 -18.04 -8.85
CA LEU B 154 -13.77 -18.66 -7.56
C LEU B 154 -14.29 -20.09 -7.72
N ARG B 155 -13.86 -20.95 -6.81
CA ARG B 155 -14.25 -22.35 -6.77
C ARG B 155 -15.42 -22.56 -5.83
N HIS B 156 -16.17 -23.64 -6.06
CA HIS B 156 -17.22 -24.04 -5.14
C HIS B 156 -18.36 -23.03 -5.05
N VAL B 157 -18.62 -22.36 -6.17
CA VAL B 157 -19.65 -21.34 -6.25
C VAL B 157 -20.11 -21.19 -7.71
N GLU B 158 -21.34 -20.72 -7.90
CA GLU B 158 -21.93 -20.71 -9.24
C GLU B 158 -21.44 -19.57 -10.14
N CYS B 159 -20.74 -18.59 -9.55
CA CYS B 159 -20.19 -17.49 -10.32
C CYS B 159 -19.31 -16.66 -9.43
N GLY B 160 -18.49 -15.82 -10.06
CA GLY B 160 -17.69 -14.83 -9.33
C GLY B 160 -16.22 -14.88 -9.65
N GLU B 161 -15.63 -13.69 -9.76
CA GLU B 161 -14.19 -13.54 -9.90
C GLU B 161 -13.69 -12.48 -8.93
N VAL B 162 -12.42 -12.58 -8.55
CA VAL B 162 -11.78 -11.52 -7.75
C VAL B 162 -10.53 -11.06 -8.48
N GLU B 163 -10.40 -9.74 -8.65
CA GLU B 163 -9.25 -9.16 -9.31
C GLU B 163 -8.29 -8.63 -8.25
N ALA B 164 -7.01 -8.95 -8.38
CA ALA B 164 -6.01 -8.49 -7.40
C ALA B 164 -4.69 -8.15 -8.08
N GLN B 165 -3.84 -7.40 -7.37
CA GLN B 165 -2.48 -7.15 -7.84
C GLN B 165 -1.50 -7.38 -6.71
N LEU B 166 -0.40 -8.06 -7.00
CA LEU B 166 0.66 -8.28 -6.01
C LEU B 166 1.73 -7.22 -6.16
N GLN B 167 2.15 -6.65 -5.03
CA GLN B 167 3.29 -5.72 -4.99
C GLN B 167 4.23 -6.19 -3.90
N TRP B 168 5.47 -5.70 -3.94
CA TRP B 168 6.47 -6.18 -2.99
C TRP B 168 6.97 -5.05 -2.14
N ILE B 169 7.16 -5.32 -0.86
CA ILE B 169 7.78 -4.37 0.05
C ILE B 169 9.08 -4.93 0.59
N ASP B 170 10.17 -4.22 0.32
CA ASP B 170 11.48 -4.63 0.81
C ASP B 170 11.72 -3.96 2.16
N LEU B 171 12.19 -4.72 3.14
CA LEU B 171 12.47 -4.18 4.45
C LEU B 171 13.94 -4.29 4.81
N PRO B 172 14.62 -3.14 4.91
CA PRO B 172 16.01 -3.06 5.38
C PRO B 172 16.23 -3.87 6.65
N GLY B 173 17.33 -4.62 6.70
CA GLY B 173 17.69 -5.35 7.89
C GLY B 173 17.05 -6.71 8.03
N SER B 174 16.25 -7.10 7.05
CA SER B 174 15.70 -8.45 7.01
C SER B 174 16.57 -9.32 6.10
N LYS B 175 16.26 -10.60 6.04
CA LYS B 175 17.00 -11.54 5.20
C LYS B 175 17.00 -11.06 3.75
N GLY B 176 15.85 -10.60 3.27
CA GLY B 176 15.74 -10.08 1.92
C GLY B 176 15.69 -11.20 0.90
N LEU B 177 15.65 -10.84 -0.37
CA LEU B 177 15.55 -11.85 -1.42
C LEU B 177 16.91 -12.41 -1.81
CA CA C . 18.52 20.52 -13.01
CA CA D . 16.41 17.61 -14.23
CA CA E . -25.74 -10.48 3.84
CA CA F . -26.84 -14.06 3.55
N SEP G . -17.48 -16.42 7.64
CA SEP G . -17.07 -17.50 8.50
CB SEP G . -16.26 -16.95 9.66
OG SEP G . -15.23 -16.05 9.32
C SEP G . -18.28 -18.25 8.95
O SEP G . -18.40 -18.63 10.15
OXT SEP G . -19.18 -18.49 8.12
P SEP G . -14.02 -15.79 10.26
O1P SEP G . -13.37 -14.46 9.89
O2P SEP G . -14.53 -15.73 11.68
O3P SEP G . -12.94 -16.96 10.17
#